data_3FZK
#
_entry.id   3FZK
#
_cell.length_a   40.504
_cell.length_b   119.896
_cell.length_c   53.047
_cell.angle_alpha   90.00
_cell.angle_beta   106.52
_cell.angle_gamma   90.00
#
_symmetry.space_group_name_H-M   'P 1 21 1'
#
loop_
_entity.id
_entity.type
_entity.pdbx_description
1 polymer 'Heat shock cognate 71 kDa protein'
2 polymer 'BAG family molecular chaperone regulator 1'
3 non-polymer 2-AMINO-2-HYDROXYMETHYL-PROPANE-1,3-DIOL
4 non-polymer 'CHLORIDE ION'
5 non-polymer (2R,3R,4S,5R)-2-[6-amino-8-[(3,4-dichlorophenyl)methylamino]purin-9-yl]-5-(hydroxymethyl)oxolane-3,4-diol
6 water water
#
loop_
_entity_poly.entity_id
_entity_poly.type
_entity_poly.pdbx_seq_one_letter_code
_entity_poly.pdbx_strand_id
1 'polypeptide(L)'
;YFQGPAVGIDLGTTYSCVGVFQHGKVEIIANDQGNRTTPSYVAFTDTERLIGDAAKNQVAMNPTNTVFDAKRLIGRRFDD
AVVQSDMKHWPFMVVNDAGRPKVQVEYKGETKSFYPEEVSSMVLTKMKEIAEAYLGKTVTNAVVTVPAYFNDSQRQATKD
AGTIAGLNVLRIINEPTAAAIAYGLDKKVGAERNVLIFDLGGGTFDVSILTIEDGIFEVKSTAGDTHLGGEDFDNRMVNH
FIAEFKRKHKKDISENKRAVRRLRTACERAKRTLSSSTQASIEIDSLYEGIDFYTSITRARFEELNADLFRGTLDPVEKA
LRDAKLDKSQIHDIVLVGGSTRIPKIQKLLQDFFNGKELNKSINPDEAVAYGAAVQAAILS
;
A
2 'polypeptide(L)'
;GNSPQEEVELKKLKHLEKSVEKIADQLEELNKELTGIQQGFLPKDLQAEALCKLDRRVKATIEQFMKILEEIDTLILPEN
FKDSRLKRKGLVKKVQAFLAECDTVEQNICQETE
;
B
#
# COMPACT_ATOMS: atom_id res chain seq x y z
N PRO A 5 3.38 -21.55 -19.49
CA PRO A 5 3.43 -20.20 -18.91
C PRO A 5 4.28 -20.18 -17.65
N ALA A 6 5.08 -19.15 -17.55
CA ALA A 6 5.91 -18.86 -16.37
C ALA A 6 5.75 -17.36 -15.98
N VAL A 7 5.45 -17.13 -14.72
CA VAL A 7 5.23 -15.77 -14.26
C VAL A 7 6.42 -15.28 -13.39
N GLY A 8 6.53 -13.97 -13.27
CA GLY A 8 7.51 -13.32 -12.44
C GLY A 8 6.62 -12.69 -11.41
N ILE A 9 7.00 -12.84 -10.16
CA ILE A 9 6.30 -12.31 -9.00
C ILE A 9 7.23 -11.48 -8.12
N ASP A 10 6.92 -10.19 -8.02
CA ASP A 10 7.40 -9.31 -6.96
C ASP A 10 6.50 -9.59 -5.71
N LEU A 11 7.10 -10.17 -4.67
CA LEU A 11 6.40 -10.48 -3.41
C LEU A 11 6.82 -9.38 -2.44
N GLY A 12 6.02 -8.31 -2.42
CA GLY A 12 6.34 -7.08 -1.69
C GLY A 12 5.93 -7.08 -0.24
N THR A 13 6.51 -6.16 0.56
CA THR A 13 6.14 -6.02 1.99
C THR A 13 4.71 -5.59 2.12
N THR A 14 4.30 -4.63 1.27
CA THR A 14 2.95 -4.03 1.27
C THR A 14 2.06 -4.49 0.11
N TYR A 15 2.65 -4.69 -1.07
CA TYR A 15 1.85 -5.05 -2.23
C TYR A 15 2.63 -6.08 -3.08
N SER A 16 1.95 -6.91 -3.88
CA SER A 16 2.66 -7.84 -4.81
C SER A 16 2.25 -7.61 -6.24
N CYS A 17 3.08 -8.06 -7.18
CA CYS A 17 2.73 -7.79 -8.57
C CYS A 17 3.14 -9.04 -9.34
N VAL A 18 2.35 -9.39 -10.37
CA VAL A 18 2.66 -10.57 -11.20
C VAL A 18 2.71 -10.19 -12.70
N GLY A 19 3.81 -10.56 -13.37
CA GLY A 19 3.94 -10.30 -14.79
C GLY A 19 4.02 -11.62 -15.54
N VAL A 20 3.76 -11.57 -16.84
CA VAL A 20 4.01 -12.69 -17.73
C VAL A 20 4.49 -12.08 -19.03
N PHE A 21 5.63 -12.57 -19.50
CA PHE A 21 6.20 -12.20 -20.77
C PHE A 21 5.58 -13.08 -21.83
N GLN A 22 4.77 -12.50 -22.69
CA GLN A 22 4.02 -13.24 -23.69
C GLN A 22 3.86 -12.30 -24.90
N HIS A 23 3.86 -12.87 -26.11
CA HIS A 23 3.82 -12.09 -27.38
C HIS A 23 4.91 -11.01 -27.57
N GLY A 24 6.13 -11.27 -27.06
CA GLY A 24 7.28 -10.37 -27.20
C GLY A 24 7.26 -9.12 -26.34
N LYS A 25 6.79 -9.26 -25.11
CA LYS A 25 6.22 -8.13 -24.39
C LYS A 25 5.78 -8.62 -23.03
N VAL A 26 6.12 -7.88 -21.99
CA VAL A 26 5.57 -8.24 -20.65
C VAL A 26 4.22 -7.59 -20.35
N GLU A 27 3.25 -8.42 -19.94
CA GLU A 27 1.94 -7.99 -19.48
C GLU A 27 1.86 -8.10 -17.95
N ILE A 28 1.79 -6.96 -17.26
CA ILE A 28 1.58 -6.93 -15.81
C ILE A 28 0.12 -7.21 -15.47
N ILE A 29 -0.12 -8.34 -14.86
CA ILE A 29 -1.48 -8.88 -14.76
C ILE A 29 -2.30 -8.09 -13.73
N ALA A 30 -3.55 -7.77 -14.10
CA ALA A 30 -4.48 -7.07 -13.25
C ALA A 30 -5.21 -8.12 -12.42
N ASN A 31 -5.45 -7.87 -11.13
CA ASN A 31 -6.17 -8.87 -10.28
C ASN A 31 -7.69 -8.88 -10.53
N ASP A 32 -8.48 -9.53 -9.65
CA ASP A 32 -9.94 -9.71 -9.94
C ASP A 32 -10.69 -8.40 -9.80
N GLN A 33 -10.02 -7.43 -9.19
CA GLN A 33 -10.56 -6.15 -8.92
C GLN A 33 -10.03 -5.15 -9.90
N GLY A 34 -9.17 -5.57 -10.83
CA GLY A 34 -8.67 -4.71 -11.90
C GLY A 34 -7.39 -3.95 -11.58
N ASN A 35 -6.76 -4.27 -10.46
CA ASN A 35 -5.52 -3.60 -10.00
C ASN A 35 -4.26 -4.39 -10.36
N ARG A 36 -3.21 -3.68 -10.79
CA ARG A 36 -1.94 -4.29 -11.19
C ARG A 36 -1.01 -4.58 -10.03
N THR A 37 -1.39 -4.12 -8.83
CA THR A 37 -0.77 -4.69 -7.65
C THR A 37 -1.82 -5.18 -6.72
N THR A 38 -1.44 -6.08 -5.81
CA THR A 38 -2.35 -6.74 -4.88
C THR A 38 -1.71 -6.53 -3.55
N PRO A 39 -2.44 -5.94 -2.61
CA PRO A 39 -1.90 -5.85 -1.23
C PRO A 39 -1.46 -7.23 -0.71
N SER A 40 -0.31 -7.29 -0.06
CA SER A 40 0.13 -8.53 0.55
C SER A 40 -0.54 -8.73 1.93
N TYR A 41 -1.88 -8.74 1.94
CA TYR A 41 -2.70 -8.81 3.16
C TYR A 41 -3.49 -10.08 3.16
N VAL A 42 -3.65 -10.67 4.36
CA VAL A 42 -4.47 -11.86 4.60
C VAL A 42 -5.32 -11.62 5.85
N ALA A 43 -6.64 -11.77 5.73
CA ALA A 43 -7.59 -11.60 6.83
C ALA A 43 -8.38 -12.87 7.12
N PHE A 44 -8.48 -13.14 8.41
CA PHE A 44 -9.21 -14.27 8.93
C PHE A 44 -10.51 -13.75 9.59
N THR A 45 -11.65 -14.35 9.18
CA THR A 45 -13.00 -14.01 9.67
C THR A 45 -13.72 -15.26 10.23
N ASP A 46 -14.99 -15.06 10.62
CA ASP A 46 -15.84 -16.11 11.20
C ASP A 46 -16.20 -17.17 10.18
N THR A 47 -15.99 -16.83 8.91
CA THR A 47 -16.64 -17.54 7.84
C THR A 47 -15.73 -17.97 6.69
N GLU A 48 -14.55 -17.31 6.56
CA GLU A 48 -13.68 -17.40 5.37
C GLU A 48 -12.27 -16.73 5.52
N ARG A 49 -11.38 -17.06 4.60
CA ARG A 49 -10.11 -16.35 4.43
C ARG A 49 -10.16 -15.36 3.25
N LEU A 50 -9.76 -14.11 3.51
CA LEU A 50 -9.58 -13.09 2.45
C LEU A 50 -8.09 -12.75 2.17
N ILE A 51 -7.68 -12.71 0.89
CA ILE A 51 -6.30 -12.27 0.50
C ILE A 51 -6.31 -11.04 -0.44
N GLY A 52 -5.32 -10.15 -0.30
CA GLY A 52 -5.20 -9.01 -1.17
C GLY A 52 -6.12 -7.87 -0.78
N ASP A 53 -6.62 -7.17 -1.78
CA ASP A 53 -7.61 -6.06 -1.68
C ASP A 53 -8.78 -6.32 -0.74
N ALA A 54 -9.39 -7.50 -0.82
CA ALA A 54 -10.47 -7.86 0.11
C ALA A 54 -9.99 -7.87 1.57
N ALA A 55 -8.74 -8.29 1.83
CA ALA A 55 -8.18 -8.28 3.18
C ALA A 55 -7.79 -6.87 3.62
N LYS A 56 -7.38 -6.02 2.69
CA LYS A 56 -7.01 -4.65 3.07
C LYS A 56 -8.21 -3.79 3.36
N ASN A 57 -9.28 -4.01 2.59
CA ASN A 57 -10.47 -3.18 2.65
C ASN A 57 -11.14 -3.22 4.02
N GLN A 58 -11.01 -4.38 4.66
CA GLN A 58 -11.65 -4.76 5.94
C GLN A 58 -10.69 -4.82 7.17
N VAL A 59 -9.55 -4.12 7.04
CA VAL A 59 -8.58 -3.98 8.12
C VAL A 59 -9.08 -3.06 9.26
N ALA A 60 -10.09 -2.25 9.01
CA ALA A 60 -10.59 -1.43 10.14
C ALA A 60 -11.60 -2.20 11.00
N MET A 61 -12.27 -3.17 10.40
CA MET A 61 -13.35 -3.93 11.03
C MET A 61 -12.80 -5.13 11.75
N ASN A 62 -11.53 -5.46 11.51
CA ASN A 62 -10.91 -6.71 11.98
C ASN A 62 -9.36 -6.62 11.99
N PRO A 63 -8.77 -5.60 12.68
CA PRO A 63 -7.32 -5.39 12.53
C PRO A 63 -6.46 -6.51 13.17
N THR A 64 -7.11 -7.32 13.98
CA THR A 64 -6.50 -8.26 14.91
C THR A 64 -6.17 -9.55 14.17
N ASN A 65 -7.12 -10.00 13.38
CA ASN A 65 -6.98 -11.16 12.55
C ASN A 65 -6.73 -10.76 11.08
N THR A 66 -6.32 -9.50 10.82
CA THR A 66 -5.74 -9.07 9.50
C THR A 66 -4.20 -8.92 9.49
N VAL A 67 -3.50 -9.89 8.86
CA VAL A 67 -2.04 -9.97 8.82
C VAL A 67 -1.41 -9.24 7.59
N PHE A 68 -0.35 -8.48 7.82
CA PHE A 68 0.45 -7.88 6.73
C PHE A 68 1.94 -7.80 7.10
N ASP A 69 2.76 -7.18 6.25
CA ASP A 69 4.17 -6.99 6.62
C ASP A 69 4.86 -8.29 7.03
N ALA A 70 4.34 -9.42 6.59
CA ALA A 70 4.96 -10.72 6.84
C ALA A 70 6.38 -10.89 6.22
N LYS A 71 6.72 -10.03 5.27
CA LYS A 71 8.02 -10.09 4.63
C LYS A 71 9.11 -9.50 5.58
N ARG A 72 8.70 -8.85 6.66
CA ARG A 72 9.63 -8.35 7.64
C ARG A 72 9.91 -9.44 8.70
N LEU A 73 9.08 -10.52 8.69
CA LEU A 73 9.20 -11.64 9.65
C LEU A 73 9.77 -12.93 9.06
N ILE A 74 9.65 -13.07 7.72
CA ILE A 74 10.02 -14.29 6.97
C ILE A 74 11.54 -14.57 6.97
N GLY A 75 11.89 -15.81 7.34
CA GLY A 75 13.28 -16.23 7.50
C GLY A 75 14.01 -15.72 8.74
N ARG A 76 13.34 -14.92 9.57
CA ARG A 76 13.98 -14.39 10.77
C ARG A 76 13.66 -15.24 11.99
N ARG A 77 14.55 -15.13 12.97
CA ARG A 77 14.33 -15.74 14.27
C ARG A 77 13.55 -14.73 15.10
N PHE A 78 13.15 -15.09 16.29
CA PHE A 78 12.17 -14.29 17.01
C PHE A 78 12.83 -13.09 17.66
N ASP A 79 14.10 -13.20 18.02
CA ASP A 79 14.74 -12.05 18.64
C ASP A 79 15.58 -11.24 17.67
N ASP A 80 15.41 -11.48 16.35
CA ASP A 80 15.95 -10.54 15.33
C ASP A 80 15.62 -9.10 15.77
N ALA A 81 16.60 -8.21 15.78
CA ALA A 81 16.31 -6.82 16.11
C ALA A 81 15.01 -6.40 15.44
N VAL A 82 14.86 -6.82 14.17
CA VAL A 82 13.78 -6.39 13.29
C VAL A 82 12.38 -6.92 13.63
N VAL A 83 12.28 -8.18 14.02
CA VAL A 83 10.99 -8.79 14.41
C VAL A 83 10.55 -8.09 15.67
N GLN A 84 11.50 -7.95 16.58
CA GLN A 84 11.25 -7.27 17.85
C GLN A 84 10.74 -5.83 17.68
N SER A 85 11.29 -5.07 16.74
CA SER A 85 10.96 -3.63 16.66
C SER A 85 9.74 -3.26 15.82
N ASP A 86 9.20 -4.25 15.09
CA ASP A 86 8.01 -4.07 14.25
C ASP A 86 6.79 -4.71 14.94
N MET A 87 7.04 -5.64 15.85
CA MET A 87 6.02 -6.28 16.70
C MET A 87 5.26 -5.28 17.53
N LYS A 88 5.98 -4.20 17.84
CA LYS A 88 5.49 -3.10 18.63
C LYS A 88 4.28 -2.42 17.93
N HIS A 89 4.23 -2.51 16.60
CA HIS A 89 3.31 -1.73 15.78
C HIS A 89 2.33 -2.55 14.90
N TRP A 90 2.09 -3.80 15.30
CA TRP A 90 1.26 -4.71 14.53
C TRP A 90 0.09 -5.20 15.39
N PRO A 91 -1.16 -4.95 14.93
CA PRO A 91 -2.34 -5.33 15.71
C PRO A 91 -2.48 -6.87 15.84
N PHE A 92 -1.95 -7.58 14.85
CA PHE A 92 -1.94 -9.04 14.90
C PHE A 92 -0.83 -9.49 15.88
N MET A 93 -0.94 -10.74 16.30
CA MET A 93 -0.10 -11.29 17.34
C MET A 93 0.97 -12.14 16.69
N VAL A 94 2.21 -11.81 17.04
CA VAL A 94 3.41 -12.64 16.84
C VAL A 94 3.79 -13.37 18.17
N VAL A 95 3.65 -14.69 18.10
CA VAL A 95 3.97 -15.67 19.13
C VAL A 95 5.41 -16.16 18.90
N ASN A 96 5.99 -16.87 19.87
CA ASN A 96 7.31 -17.49 19.73
C ASN A 96 7.17 -19.02 19.71
N ASP A 97 7.40 -19.65 18.56
CA ASP A 97 7.43 -21.09 18.54
C ASP A 97 8.90 -21.54 18.56
N ALA A 98 9.36 -21.87 19.78
CA ALA A 98 10.77 -22.22 20.04
C ALA A 98 11.78 -21.34 19.25
N GLY A 99 11.63 -20.02 19.32
CA GLY A 99 12.55 -19.11 18.66
C GLY A 99 12.26 -18.69 17.21
N ARG A 100 11.28 -19.33 16.57
CA ARG A 100 10.76 -18.93 15.24
C ARG A 100 9.44 -18.22 15.49
N PRO A 101 9.18 -17.06 14.84
CA PRO A 101 7.88 -16.38 14.93
C PRO A 101 6.78 -17.00 14.04
N LYS A 102 5.56 -16.93 14.58
CA LYS A 102 4.37 -17.42 13.94
C LYS A 102 3.33 -16.36 14.25
N VAL A 103 2.47 -16.08 13.27
CA VAL A 103 1.38 -15.11 13.44
C VAL A 103 0.16 -15.90 14.03
N GLN A 104 -0.46 -15.42 15.10
CA GLN A 104 -1.63 -16.13 15.67
C GLN A 104 -2.92 -15.37 15.36
N VAL A 105 -3.94 -16.05 14.86
CA VAL A 105 -5.18 -15.34 14.56
C VAL A 105 -6.37 -16.13 15.00
N GLU A 106 -7.56 -15.53 14.82
CA GLU A 106 -8.86 -16.21 14.99
C GLU A 106 -9.51 -16.41 13.65
N TYR A 107 -9.82 -17.66 13.38
CA TYR A 107 -10.27 -18.08 12.09
C TYR A 107 -11.38 -19.11 12.28
N LYS A 108 -12.55 -18.74 11.76
CA LYS A 108 -13.83 -19.42 12.03
C LYS A 108 -14.03 -19.82 13.53
N GLY A 109 -13.55 -19.03 14.49
CA GLY A 109 -13.63 -19.37 15.93
C GLY A 109 -12.44 -20.11 16.56
N GLU A 110 -11.87 -21.07 15.82
CA GLU A 110 -10.62 -21.74 16.26
C GLU A 110 -9.45 -20.75 16.16
N THR A 111 -8.72 -20.59 17.27
CA THR A 111 -7.45 -19.84 17.31
C THR A 111 -6.44 -20.58 16.42
N LYS A 112 -6.04 -19.98 15.29
CA LYS A 112 -4.99 -20.61 14.47
C LYS A 112 -3.60 -19.90 14.45
N SER A 113 -2.54 -20.67 14.22
CA SER A 113 -1.21 -20.07 14.14
C SER A 113 -0.46 -20.52 12.87
N PHE A 114 0.41 -19.64 12.37
CA PHE A 114 0.98 -19.76 11.01
C PHE A 114 2.36 -19.15 10.98
N TYR A 115 3.32 -19.92 10.43
CA TYR A 115 4.65 -19.41 10.10
C TYR A 115 4.53 -18.34 8.98
N PRO A 116 5.46 -17.34 8.93
CA PRO A 116 5.32 -16.26 7.90
C PRO A 116 5.24 -16.72 6.42
N GLU A 117 5.76 -17.91 6.16
CA GLU A 117 5.77 -18.45 4.83
C GLU A 117 4.48 -19.15 4.54
N GLU A 118 3.67 -19.40 5.57
CA GLU A 118 2.33 -19.90 5.34
C GLU A 118 1.46 -18.72 4.94
N VAL A 119 1.64 -17.60 5.66
CA VAL A 119 1.04 -16.30 5.30
C VAL A 119 1.55 -15.81 3.92
N SER A 120 2.85 -15.92 3.65
CA SER A 120 3.40 -15.58 2.32
C SER A 120 3.02 -16.53 1.24
N SER A 121 2.78 -17.81 1.54
CA SER A 121 2.21 -18.73 0.53
C SER A 121 0.80 -18.36 0.13
N MET A 122 0.02 -17.94 1.14
CA MET A 122 -1.31 -17.36 0.88
C MET A 122 -1.25 -16.27 -0.21
N VAL A 123 -0.32 -15.32 -0.11
CA VAL A 123 -0.23 -14.24 -1.08
C VAL A 123 0.26 -14.80 -2.40
N LEU A 124 1.12 -15.81 -2.35
CA LEU A 124 1.65 -16.38 -3.60
C LEU A 124 0.52 -17.21 -4.31
N THR A 125 -0.37 -17.84 -3.51
CA THR A 125 -1.57 -18.52 -4.07
C THR A 125 -2.42 -17.47 -4.74
N LYS A 126 -2.62 -16.33 -4.08
CA LYS A 126 -3.34 -15.19 -4.69
C LYS A 126 -2.77 -14.78 -6.05
N MET A 127 -1.49 -14.40 -6.07
CA MET A 127 -0.82 -13.96 -7.29
C MET A 127 -0.85 -15.03 -8.35
N LYS A 128 -0.60 -16.29 -7.99
CA LYS A 128 -0.73 -17.42 -8.94
C LYS A 128 -2.14 -17.53 -9.50
N GLU A 129 -3.15 -17.49 -8.61
CA GLU A 129 -4.57 -17.56 -9.04
C GLU A 129 -4.88 -16.38 -10.00
N ILE A 130 -4.34 -15.22 -9.66
CA ILE A 130 -4.54 -14.03 -10.42
C ILE A 130 -4.11 -14.23 -11.84
N ALA A 131 -2.91 -14.79 -12.04
CA ALA A 131 -2.34 -14.94 -13.36
C ALA A 131 -3.12 -15.98 -14.14
N GLU A 132 -3.55 -17.03 -13.47
CA GLU A 132 -4.33 -18.09 -14.13
C GLU A 132 -5.70 -17.57 -14.60
N ALA A 133 -6.26 -16.55 -13.93
CA ALA A 133 -7.57 -15.99 -14.31
C ALA A 133 -7.43 -15.20 -15.56
N TYR A 134 -6.24 -14.62 -15.80
CA TYR A 134 -5.98 -13.80 -17.00
C TYR A 134 -5.67 -14.66 -18.21
N LEU A 135 -4.97 -15.78 -17.92
CA LEU A 135 -4.41 -16.68 -18.93
C LEU A 135 -5.32 -17.86 -19.30
N GLY A 136 -6.08 -18.39 -18.35
CA GLY A 136 -7.05 -19.41 -18.70
C GLY A 136 -6.28 -20.68 -18.99
N LYS A 137 -5.04 -20.69 -18.46
CA LYS A 137 -4.16 -21.84 -18.36
C LYS A 137 -3.92 -22.09 -16.87
N THR A 138 -3.30 -23.23 -16.56
CA THR A 138 -2.70 -23.48 -15.24
C THR A 138 -1.37 -22.74 -15.19
N VAL A 139 -1.03 -22.20 -14.02
CA VAL A 139 0.26 -21.52 -13.84
C VAL A 139 0.98 -22.24 -12.72
N THR A 140 2.20 -22.71 -12.99
CA THR A 140 3.00 -23.31 -11.93
C THR A 140 4.46 -22.79 -11.88
N ASN A 141 5.08 -22.45 -13.01
CA ASN A 141 6.45 -21.94 -12.96
C ASN A 141 6.45 -20.47 -12.61
N ALA A 142 7.32 -20.08 -11.69
CA ALA A 142 7.52 -18.67 -11.31
C ALA A 142 8.96 -18.38 -10.90
N VAL A 143 9.43 -17.16 -11.20
CA VAL A 143 10.49 -16.49 -10.49
C VAL A 143 9.83 -15.58 -9.41
N VAL A 144 10.36 -15.64 -8.18
CA VAL A 144 9.92 -14.82 -7.04
C VAL A 144 11.16 -14.00 -6.67
N THR A 145 11.00 -12.70 -6.44
CA THR A 145 12.14 -11.84 -6.04
C THR A 145 12.20 -11.62 -4.54
N VAL A 146 13.41 -11.33 -4.05
CA VAL A 146 13.65 -10.99 -2.64
C VAL A 146 14.53 -9.75 -2.63
N PRO A 147 14.61 -9.08 -1.47
CA PRO A 147 15.65 -8.05 -1.34
C PRO A 147 17.08 -8.58 -1.37
N ALA A 148 17.97 -7.79 -1.95
CA ALA A 148 19.39 -8.20 -2.06
C ALA A 148 20.05 -8.53 -0.72
N TYR A 149 19.49 -7.98 0.34
CA TYR A 149 20.09 -8.11 1.66
C TYR A 149 19.56 -9.31 2.41
N PHE A 150 18.55 -9.98 1.82
CA PHE A 150 18.08 -11.25 2.30
C PHE A 150 19.16 -12.30 2.48
N ASN A 151 19.07 -13.04 3.61
CA ASN A 151 20.03 -14.07 3.92
C ASN A 151 19.60 -15.44 3.42
N ASP A 152 20.41 -16.46 3.65
CA ASP A 152 19.99 -17.79 3.23
C ASP A 152 18.64 -18.18 3.87
N SER A 153 18.43 -17.93 5.15
CA SER A 153 17.18 -18.46 5.76
C SER A 153 15.96 -17.78 5.18
N GLN A 154 16.12 -16.49 4.87
CA GLN A 154 15.11 -15.62 4.32
C GLN A 154 14.82 -15.96 2.86
N ARG A 155 15.88 -16.23 2.08
CA ARG A 155 15.77 -16.81 0.72
C ARG A 155 15.09 -18.18 0.68
N GLN A 156 15.45 -19.07 1.61
CA GLN A 156 14.81 -20.37 1.64
C GLN A 156 13.35 -20.35 2.10
N ALA A 157 13.06 -19.56 3.13
CA ALA A 157 11.68 -19.29 3.61
C ALA A 157 10.71 -18.82 2.53
N THR A 158 11.18 -17.94 1.67
CA THR A 158 10.43 -17.49 0.49
C THR A 158 10.22 -18.56 -0.57
N LYS A 159 11.29 -19.31 -0.88
CA LYS A 159 11.20 -20.41 -1.82
C LYS A 159 10.18 -21.39 -1.32
N ASP A 160 10.27 -21.76 -0.04
CA ASP A 160 9.27 -22.64 0.62
C ASP A 160 7.82 -22.15 0.42
N ALA A 161 7.51 -20.93 0.90
CA ALA A 161 6.26 -20.22 0.62
C ALA A 161 5.73 -20.42 -0.79
N GLY A 162 6.60 -20.38 -1.78
CA GLY A 162 6.16 -20.66 -3.13
C GLY A 162 5.80 -22.11 -3.34
N THR A 163 6.65 -22.99 -2.82
CA THR A 163 6.45 -24.41 -2.98
C THR A 163 5.16 -24.90 -2.30
N ILE A 164 4.86 -24.34 -1.14
CA ILE A 164 3.64 -24.68 -0.37
C ILE A 164 2.41 -24.24 -1.17
N ALA A 165 2.57 -23.17 -1.94
CA ALA A 165 1.51 -22.60 -2.78
C ALA A 165 1.31 -23.29 -4.13
N GLY A 166 2.11 -24.29 -4.44
CA GLY A 166 1.97 -25.02 -5.69
C GLY A 166 2.85 -24.47 -6.81
N LEU A 167 3.73 -23.54 -6.51
CA LEU A 167 4.53 -23.00 -7.60
C LEU A 167 5.83 -23.78 -7.66
N ASN A 168 6.43 -23.70 -8.83
CA ASN A 168 7.73 -24.25 -9.12
C ASN A 168 8.63 -23.07 -9.18
N VAL A 169 9.35 -22.81 -8.08
CA VAL A 169 10.22 -21.63 -8.02
C VAL A 169 11.49 -21.80 -8.92
N LEU A 170 11.40 -21.36 -10.17
CA LEU A 170 12.53 -21.51 -11.09
C LEU A 170 13.82 -20.95 -10.49
N ARG A 171 13.68 -19.82 -9.80
CA ARG A 171 14.77 -19.13 -9.10
C ARG A 171 14.26 -18.13 -8.09
N ILE A 172 15.13 -17.75 -7.15
CA ILE A 172 14.97 -16.56 -6.34
C ILE A 172 15.98 -15.55 -6.84
N ILE A 173 15.44 -14.45 -7.34
CA ILE A 173 16.20 -13.34 -7.94
C ILE A 173 16.11 -12.05 -7.07
N ASN A 174 17.22 -11.35 -6.82
CA ASN A 174 17.12 -10.13 -6.01
C ASN A 174 16.29 -9.06 -6.71
N GLU A 175 15.55 -8.26 -5.94
CA GLU A 175 14.74 -7.15 -6.53
C GLU A 175 15.47 -6.16 -7.52
N PRO A 176 16.66 -5.59 -7.17
CA PRO A 176 17.50 -4.76 -8.07
C PRO A 176 18.08 -5.46 -9.29
N THR A 177 18.43 -6.73 -9.11
CA THR A 177 18.77 -7.58 -10.23
C THR A 177 17.55 -7.68 -11.16
N ALA A 178 16.36 -8.04 -10.63
CA ALA A 178 15.07 -7.90 -11.40
C ALA A 178 14.86 -6.53 -12.12
N ALA A 179 14.96 -5.41 -11.40
CA ALA A 179 14.82 -4.07 -11.98
C ALA A 179 15.82 -3.83 -13.09
N ALA A 180 17.12 -4.11 -12.87
CA ALA A 180 18.20 -4.02 -13.86
C ALA A 180 17.91 -4.89 -15.08
N ILE A 181 17.51 -6.13 -14.87
CA ILE A 181 17.10 -6.96 -15.99
C ILE A 181 15.95 -6.35 -16.79
N ALA A 182 14.99 -5.68 -16.14
CA ALA A 182 13.88 -5.02 -16.84
C ALA A 182 14.35 -4.01 -17.88
N TYR A 183 15.43 -3.26 -17.58
CA TYR A 183 15.97 -2.21 -18.44
C TYR A 183 17.03 -2.72 -19.41
N GLY A 184 16.99 -3.99 -19.75
CA GLY A 184 18.02 -4.67 -20.54
C GLY A 184 19.43 -4.24 -20.21
N LEU A 185 19.71 -3.99 -18.92
CA LEU A 185 21.09 -3.66 -18.47
C LEU A 185 22.04 -4.85 -18.64
N ASP A 186 21.50 -6.06 -18.57
CA ASP A 186 22.29 -7.28 -18.75
C ASP A 186 22.65 -7.57 -20.23
N LYS A 187 22.15 -6.70 -21.11
CA LYS A 187 22.35 -6.85 -22.54
C LYS A 187 23.47 -5.98 -23.04
N LYS A 188 23.98 -5.05 -22.22
CA LYS A 188 25.06 -4.15 -22.68
C LYS A 188 26.42 -4.85 -22.90
N VAL A 189 27.34 -4.23 -23.67
CA VAL A 189 28.51 -5.00 -24.17
C VAL A 189 29.91 -4.65 -23.52
N GLY A 190 30.74 -5.67 -23.38
CA GLY A 190 32.13 -5.46 -23.11
C GLY A 190 32.42 -5.21 -21.65
N ALA A 191 32.67 -3.93 -21.34
CA ALA A 191 33.31 -3.55 -20.10
C ALA A 191 32.37 -3.60 -18.89
N GLU A 192 32.92 -3.83 -17.70
CA GLU A 192 32.12 -4.02 -16.47
C GLU A 192 31.34 -2.73 -16.12
N ARG A 193 30.05 -2.85 -15.78
CA ARG A 193 29.23 -1.68 -15.45
C ARG A 193 28.62 -1.72 -14.03
N ASN A 194 28.78 -0.63 -13.27
CA ASN A 194 28.19 -0.50 -11.92
C ASN A 194 26.78 0.14 -12.02
N VAL A 195 25.86 -0.32 -11.18
CA VAL A 195 24.46 0.00 -11.31
C VAL A 195 23.95 0.33 -9.95
N LEU A 196 23.43 1.54 -9.77
CA LEU A 196 22.79 1.86 -8.51
C LEU A 196 21.29 1.74 -8.69
N ILE A 197 20.68 0.92 -7.84
CA ILE A 197 19.23 0.84 -7.83
C ILE A 197 18.73 1.54 -6.62
N PHE A 198 17.83 2.52 -6.88
CA PHE A 198 17.20 3.43 -5.89
C PHE A 198 15.71 3.06 -5.69
N ASP A 199 15.43 2.45 -4.53
CA ASP A 199 14.16 1.84 -4.35
C ASP A 199 13.50 2.58 -3.22
N LEU A 200 12.59 3.46 -3.57
CA LEU A 200 11.83 4.21 -2.56
C LEU A 200 10.39 3.85 -2.71
N GLY A 201 9.83 3.10 -1.79
CA GLY A 201 8.40 2.82 -1.86
C GLY A 201 7.50 3.60 -0.91
N GLY A 202 6.36 3.03 -0.58
CA GLY A 202 5.49 3.68 0.42
C GLY A 202 6.07 3.72 1.84
N GLY A 203 6.96 2.80 2.16
CA GLY A 203 7.31 2.68 3.57
C GLY A 203 8.78 2.50 3.80
N THR A 204 9.45 1.82 2.86
CA THR A 204 10.90 1.60 2.93
C THR A 204 11.68 2.30 1.83
N PHE A 205 13.01 2.30 1.98
CA PHE A 205 13.98 2.85 1.08
C PHE A 205 15.18 1.88 1.02
N ASP A 206 15.38 1.23 -0.12
CA ASP A 206 16.50 0.34 -0.33
C ASP A 206 17.46 0.87 -1.39
N VAL A 207 18.74 1.02 -1.05
CA VAL A 207 19.80 1.27 -2.08
C VAL A 207 20.69 0.03 -2.31
N SER A 208 21.01 -0.26 -3.58
CA SER A 208 21.83 -1.43 -3.96
C SER A 208 22.85 -1.01 -4.96
N ILE A 209 24.06 -1.53 -4.81
CA ILE A 209 24.98 -1.44 -5.96
C ILE A 209 25.26 -2.85 -6.44
N LEU A 210 25.26 -3.00 -7.75
CA LEU A 210 25.41 -4.24 -8.42
C LEU A 210 26.47 -3.95 -9.44
N THR A 211 27.23 -4.98 -9.83
CA THR A 211 28.00 -4.95 -11.08
C THR A 211 27.37 -5.87 -12.15
N ILE A 212 27.41 -5.43 -13.42
CA ILE A 212 27.05 -6.25 -14.57
C ILE A 212 28.18 -6.13 -15.64
N GLU A 213 28.69 -7.29 -16.04
CA GLU A 213 29.60 -7.42 -17.15
C GLU A 213 29.09 -8.64 -17.82
N ASP A 214 28.93 -8.57 -19.14
CA ASP A 214 28.49 -9.69 -19.96
C ASP A 214 27.25 -10.47 -19.51
N GLY A 215 26.29 -9.72 -18.95
CA GLY A 215 25.04 -10.28 -18.46
C GLY A 215 25.17 -11.07 -17.17
N ILE A 216 26.24 -10.80 -16.41
CA ILE A 216 26.53 -11.48 -15.13
C ILE A 216 26.59 -10.52 -13.99
N PHE A 217 25.74 -10.78 -13.02
CA PHE A 217 25.45 -9.83 -11.94
C PHE A 217 26.14 -10.15 -10.63
N GLU A 218 26.61 -9.13 -9.93
CA GLU A 218 27.08 -9.33 -8.58
C GLU A 218 26.56 -8.20 -7.71
N VAL A 219 26.01 -8.50 -6.52
CA VAL A 219 25.67 -7.46 -5.54
C VAL A 219 26.98 -6.87 -4.90
N LYS A 220 27.26 -5.59 -5.12
CA LYS A 220 28.39 -4.89 -4.46
C LYS A 220 28.12 -4.42 -3.05
N SER A 221 26.99 -3.73 -2.87
CA SER A 221 26.65 -3.24 -1.56
C SER A 221 25.16 -2.94 -1.46
N THR A 222 24.71 -2.76 -0.23
CA THR A 222 23.31 -2.71 0.17
C THR A 222 23.24 -1.67 1.30
N ALA A 223 22.35 -0.66 1.13
CA ALA A 223 22.07 0.37 2.14
C ALA A 223 20.60 0.70 2.12
N GLY A 224 20.19 1.66 2.94
CA GLY A 224 18.81 2.06 2.99
C GLY A 224 18.37 2.61 4.31
N ASP A 225 17.06 2.79 4.43
CA ASP A 225 16.49 3.34 5.63
C ASP A 225 15.24 2.56 5.79
N THR A 226 15.09 1.85 6.88
CA THR A 226 14.02 0.84 6.88
C THR A 226 12.64 1.44 7.07
N HIS A 227 12.62 2.65 7.63
CA HIS A 227 11.38 3.41 7.81
C HIS A 227 11.51 4.87 7.30
N LEU A 228 11.77 4.98 5.98
CA LEU A 228 11.55 6.20 5.16
C LEU A 228 10.83 5.92 3.84
N GLY A 229 9.58 6.37 3.73
CA GLY A 229 8.89 6.25 2.46
C GLY A 229 7.88 7.33 2.25
N GLY A 230 7.04 7.16 1.23
CA GLY A 230 5.99 8.11 0.89
C GLY A 230 5.06 8.43 2.06
N GLU A 231 5.08 7.60 3.08
CA GLU A 231 4.18 7.81 4.19
C GLU A 231 4.66 8.96 5.04
N ASP A 232 5.98 9.15 5.06
CA ASP A 232 6.60 10.24 5.81
C ASP A 232 6.36 11.57 5.13
N PHE A 233 6.25 11.56 3.80
CA PHE A 233 5.99 12.78 3.01
C PHE A 233 4.52 13.21 3.15
N ASP A 234 3.66 12.23 3.40
CA ASP A 234 2.21 12.47 3.52
C ASP A 234 2.03 13.13 4.87
N ASN A 235 2.75 12.64 5.88
CA ASN A 235 2.69 13.23 7.21
C ASN A 235 3.17 14.67 7.28
N ARG A 236 4.25 14.99 6.56
CA ARG A 236 4.70 16.37 6.42
C ARG A 236 3.61 17.29 5.82
N MET A 237 2.75 16.77 4.95
CA MET A 237 1.65 17.59 4.38
C MET A 237 0.53 17.70 5.39
N VAL A 238 0.24 16.60 6.07
CA VAL A 238 -0.79 16.53 7.13
C VAL A 238 -0.45 17.57 8.21
N ASN A 239 0.80 17.61 8.64
CA ASN A 239 1.21 18.60 9.64
C ASN A 239 1.03 20.00 9.18
N HIS A 240 1.42 20.25 7.91
CA HIS A 240 1.28 21.54 7.25
C HIS A 240 -0.20 21.98 7.29
N PHE A 241 -1.11 21.13 6.85
CA PHE A 241 -2.52 21.54 6.74
C PHE A 241 -3.24 21.58 8.08
N ILE A 242 -2.88 20.70 9.03
CA ILE A 242 -3.35 20.88 10.42
C ILE A 242 -2.96 22.25 11.04
N ALA A 243 -1.69 22.63 10.93
CA ALA A 243 -1.26 23.97 11.30
C ALA A 243 -2.02 25.05 10.54
N GLU A 244 -2.46 24.77 9.31
CA GLU A 244 -3.20 25.78 8.52
C GLU A 244 -4.64 25.87 8.94
N PHE A 245 -5.27 24.73 9.21
CA PHE A 245 -6.61 24.75 9.79
C PHE A 245 -6.57 25.60 11.07
N LYS A 246 -5.55 25.36 11.92
CA LYS A 246 -5.38 26.05 13.21
C LYS A 246 -5.23 27.57 13.08
N ARG A 247 -4.56 28.02 12.02
CA ARG A 247 -4.42 29.46 11.68
C ARG A 247 -5.67 30.15 11.15
N LYS A 248 -6.58 29.40 10.57
CA LYS A 248 -7.68 30.04 9.91
C LYS A 248 -8.93 29.92 10.73
N HIS A 249 -9.04 28.83 11.49
CA HIS A 249 -10.25 28.56 12.25
C HIS A 249 -9.96 28.43 13.74
N LYS A 250 -8.68 28.44 14.11
CA LYS A 250 -8.34 28.31 15.52
C LYS A 250 -9.04 27.07 16.11
N LYS A 251 -8.97 25.98 15.35
CA LYS A 251 -9.52 24.70 15.71
C LYS A 251 -8.44 23.65 15.62
N ASP A 252 -8.31 22.80 16.62
CA ASP A 252 -7.39 21.68 16.49
C ASP A 252 -8.04 20.37 16.00
N ILE A 253 -7.76 19.97 14.75
CA ILE A 253 -8.46 18.80 14.15
C ILE A 253 -7.90 17.44 14.58
N SER A 254 -6.70 17.47 15.15
CA SER A 254 -5.80 16.30 15.23
C SER A 254 -6.20 15.22 16.21
N GLU A 255 -7.20 15.47 17.04
CA GLU A 255 -7.72 14.38 17.85
C GLU A 255 -9.00 13.86 17.21
N ASN A 256 -9.34 14.39 16.04
CA ASN A 256 -10.39 13.74 15.31
C ASN A 256 -9.89 12.79 14.26
N LYS A 257 -9.98 11.48 14.55
CA LYS A 257 -9.43 10.43 13.70
C LYS A 257 -9.93 10.52 12.30
N ARG A 258 -11.23 10.77 12.15
CA ARG A 258 -11.90 10.74 10.85
C ARG A 258 -11.58 11.97 10.00
N ALA A 259 -11.35 13.11 10.65
CA ALA A 259 -10.91 14.35 10.01
C ALA A 259 -9.47 14.21 9.56
N VAL A 260 -8.60 13.73 10.44
CA VAL A 260 -7.18 13.46 10.07
C VAL A 260 -7.11 12.42 8.94
N ARG A 261 -7.86 11.35 9.04
CA ARG A 261 -7.86 10.37 7.94
C ARG A 261 -8.29 10.95 6.57
N ARG A 262 -9.44 11.64 6.55
CA ARG A 262 -9.84 12.45 5.39
C ARG A 262 -8.76 13.34 4.85
N LEU A 263 -8.26 14.26 5.67
CA LEU A 263 -7.05 15.03 5.32
C LEU A 263 -5.90 14.23 4.75
N ARG A 264 -5.40 13.25 5.52
CA ARG A 264 -4.29 12.39 5.07
C ARG A 264 -4.51 11.70 3.73
N THR A 265 -5.75 11.26 3.45
CA THR A 265 -6.06 10.64 2.19
C THR A 265 -5.94 11.68 1.08
N ALA A 266 -6.42 12.89 1.33
CA ALA A 266 -6.40 13.97 0.29
C ALA A 266 -4.95 14.37 0.08
N CYS A 267 -4.19 14.36 1.17
CA CYS A 267 -2.70 14.59 1.14
C CYS A 267 -2.00 13.61 0.20
N GLU A 268 -2.00 12.32 0.53
CA GLU A 268 -1.44 11.31 -0.33
C GLU A 268 -1.82 11.52 -1.82
N ARG A 269 -3.10 11.81 -2.12
CA ARG A 269 -3.56 11.95 -3.52
C ARG A 269 -3.01 13.19 -4.20
N ALA A 270 -3.09 14.33 -3.50
CA ALA A 270 -2.49 15.58 -3.89
C ALA A 270 -1.02 15.37 -4.07
N LYS A 271 -0.34 14.63 -3.21
CA LYS A 271 1.09 14.39 -3.44
C LYS A 271 1.37 13.80 -4.83
N ARG A 272 0.49 12.89 -5.31
CA ARG A 272 0.72 12.15 -6.55
C ARG A 272 0.51 13.11 -7.69
N THR A 273 -0.60 13.85 -7.63
CA THR A 273 -0.90 14.97 -8.50
C THR A 273 0.31 15.90 -8.63
N LEU A 274 1.00 16.17 -7.54
CA LEU A 274 2.19 17.01 -7.60
C LEU A 274 3.42 16.42 -8.32
N SER A 275 3.40 15.15 -8.72
CA SER A 275 4.55 14.60 -9.49
C SER A 275 4.43 14.94 -11.00
N SER A 276 3.23 15.40 -11.38
CA SER A 276 2.82 15.59 -12.77
C SER A 276 2.20 16.97 -13.04
N SER A 277 1.78 17.69 -12.02
CA SER A 277 1.60 19.14 -12.17
C SER A 277 2.07 19.88 -10.97
N THR A 278 2.15 21.19 -11.08
CA THR A 278 2.89 22.00 -10.10
C THR A 278 2.04 22.58 -8.96
N GLN A 279 0.74 22.24 -8.93
CA GLN A 279 -0.18 22.67 -7.85
C GLN A 279 -1.31 21.64 -7.75
N ALA A 280 -1.76 21.35 -6.52
CA ALA A 280 -2.82 20.41 -6.16
C ALA A 280 -3.92 21.15 -5.37
N SER A 281 -5.18 20.96 -5.76
CA SER A 281 -6.22 21.52 -4.94
C SER A 281 -6.91 20.45 -4.12
N ILE A 282 -7.43 20.87 -2.97
CA ILE A 282 -8.19 19.96 -2.10
C ILE A 282 -9.43 20.72 -1.65
N GLU A 283 -10.61 20.09 -1.77
CA GLU A 283 -11.84 20.48 -1.04
C GLU A 283 -12.38 19.33 -0.18
N ILE A 284 -12.33 19.52 1.14
CA ILE A 284 -12.93 18.60 2.13
C ILE A 284 -14.08 19.36 2.86
N ASP A 285 -15.35 18.99 2.59
CA ASP A 285 -16.49 19.74 3.11
C ASP A 285 -16.61 19.29 4.55
N SER A 286 -16.92 20.20 5.48
CA SER A 286 -17.26 19.77 6.84
C SER A 286 -16.17 18.86 7.36
N LEU A 287 -14.94 19.39 7.48
CA LEU A 287 -13.78 18.62 7.94
C LEU A 287 -13.86 18.44 9.45
N TYR A 288 -14.06 19.55 10.17
CA TYR A 288 -14.05 19.52 11.60
C TYR A 288 -14.95 20.64 12.14
N GLU A 289 -15.89 20.22 12.99
CA GLU A 289 -16.94 21.05 13.54
C GLU A 289 -17.68 21.78 12.47
N GLY A 290 -17.91 21.10 11.36
CA GLY A 290 -18.79 21.56 10.32
C GLY A 290 -18.10 22.50 9.35
N ILE A 291 -16.79 22.70 9.52
CA ILE A 291 -16.05 23.76 8.80
C ILE A 291 -15.41 23.12 7.57
N ASP A 292 -15.68 23.70 6.39
CA ASP A 292 -15.13 23.25 5.11
C ASP A 292 -13.63 23.47 5.04
N PHE A 293 -12.86 22.50 4.57
CA PHE A 293 -11.44 22.80 4.42
C PHE A 293 -11.13 22.83 2.94
N TYR A 294 -11.09 24.02 2.38
CA TYR A 294 -10.70 24.15 1.00
C TYR A 294 -9.31 24.74 1.06
N THR A 295 -8.34 24.08 0.45
CA THR A 295 -7.00 24.62 0.33
C THR A 295 -6.29 24.19 -0.96
N SER A 296 -5.01 24.56 -1.09
CA SER A 296 -4.20 24.18 -2.23
C SER A 296 -2.71 24.21 -1.91
N ILE A 297 -1.94 23.31 -2.53
CA ILE A 297 -0.49 23.22 -2.26
C ILE A 297 0.27 23.17 -3.56
N THR A 298 1.34 23.95 -3.68
CA THR A 298 2.24 23.92 -4.84
C THR A 298 3.31 22.84 -4.67
N ARG A 299 3.82 22.33 -5.77
CA ARG A 299 5.00 21.47 -5.75
C ARG A 299 6.19 22.04 -4.97
N ALA A 300 6.47 23.34 -5.03
CA ALA A 300 7.60 23.89 -4.25
C ALA A 300 7.38 23.82 -2.74
N ARG A 301 6.13 24.02 -2.32
CA ARG A 301 5.73 23.93 -0.91
C ARG A 301 5.82 22.50 -0.44
N PHE A 302 5.31 21.56 -1.22
CA PHE A 302 5.44 20.18 -0.89
C PHE A 302 6.94 19.77 -0.77
N GLU A 303 7.72 20.11 -1.79
CA GLU A 303 9.18 19.96 -1.75
C GLU A 303 9.86 20.53 -0.51
N GLU A 304 9.48 21.75 -0.10
CA GLU A 304 10.08 22.42 1.04
C GLU A 304 9.70 21.73 2.35
N LEU A 305 8.46 21.21 2.42
CA LEU A 305 8.01 20.54 3.64
C LEU A 305 8.83 19.29 3.92
N ASN A 306 9.45 18.75 2.88
CA ASN A 306 10.07 17.43 2.88
C ASN A 306 11.52 17.56 2.57
N ALA A 307 12.08 18.75 2.73
CA ALA A 307 13.40 19.10 2.18
C ALA A 307 14.48 18.19 2.73
N ASP A 308 14.50 18.03 4.05
CA ASP A 308 15.46 17.19 4.77
C ASP A 308 15.28 15.71 4.43
N LEU A 309 14.05 15.31 4.19
CA LEU A 309 13.74 13.94 3.88
C LEU A 309 14.17 13.60 2.46
N PHE A 310 13.94 14.53 1.54
CA PHE A 310 14.34 14.25 0.16
C PHE A 310 15.87 14.10 0.07
N ARG A 311 16.61 15.07 0.60
CA ARG A 311 18.07 15.08 0.48
C ARG A 311 18.77 13.95 1.29
N GLY A 312 18.21 13.63 2.45
CA GLY A 312 18.66 12.52 3.26
C GLY A 312 18.54 11.16 2.58
N THR A 313 17.94 11.10 1.39
CA THR A 313 17.85 9.86 0.66
C THR A 313 19.25 9.62 0.08
N LEU A 314 20.14 10.61 0.23
CA LEU A 314 21.48 10.48 -0.39
C LEU A 314 22.51 9.85 0.54
N ASP A 315 22.22 9.79 1.82
CA ASP A 315 23.14 9.14 2.76
C ASP A 315 23.19 7.59 2.67
N PRO A 316 22.07 6.89 2.40
CA PRO A 316 22.25 5.53 1.90
C PRO A 316 22.95 5.41 0.54
N VAL A 317 22.75 6.33 -0.39
CA VAL A 317 23.52 6.32 -1.63
C VAL A 317 25.05 6.45 -1.37
N GLU A 318 25.46 7.48 -0.61
CA GLU A 318 26.87 7.72 -0.41
C GLU A 318 27.39 6.49 0.32
N LYS A 319 26.58 6.03 1.27
CA LYS A 319 26.99 4.94 2.17
C LYS A 319 27.06 3.56 1.49
N ALA A 320 26.26 3.37 0.44
CA ALA A 320 26.32 2.20 -0.39
C ALA A 320 27.58 2.25 -1.26
N LEU A 321 28.03 3.45 -1.61
CA LEU A 321 29.20 3.63 -2.47
C LEU A 321 30.45 3.41 -1.58
N ARG A 322 30.45 3.98 -0.39
CA ARG A 322 31.52 3.68 0.57
C ARG A 322 31.74 2.14 0.59
N ASP A 323 30.70 1.42 1.03
CA ASP A 323 30.71 -0.03 1.12
C ASP A 323 31.13 -0.80 -0.14
N ALA A 324 30.87 -0.23 -1.32
CA ALA A 324 31.24 -0.83 -2.60
C ALA A 324 32.59 -0.34 -3.15
N LYS A 325 33.25 0.54 -2.40
CA LYS A 325 34.53 1.16 -2.78
C LYS A 325 34.43 1.80 -4.20
N LEU A 326 33.33 2.53 -4.48
CA LEU A 326 33.16 3.14 -5.80
C LEU A 326 33.02 4.64 -5.68
N ASP A 327 33.62 5.36 -6.60
CA ASP A 327 33.41 6.77 -6.60
C ASP A 327 32.06 6.98 -7.22
N LYS A 328 31.32 8.00 -6.77
CA LYS A 328 30.01 8.26 -7.37
C LYS A 328 30.12 8.35 -8.88
N SER A 329 31.34 8.65 -9.38
CA SER A 329 31.59 8.80 -10.86
C SER A 329 31.70 7.49 -11.65
N GLN A 330 31.80 6.38 -10.92
CA GLN A 330 31.91 5.05 -11.53
C GLN A 330 30.61 4.24 -11.58
N ILE A 331 29.48 4.86 -11.25
CA ILE A 331 28.17 4.29 -11.52
C ILE A 331 27.78 4.65 -12.94
N HIS A 332 27.52 3.63 -13.75
CA HIS A 332 27.26 3.75 -15.15
C HIS A 332 25.77 3.85 -15.44
N ASP A 333 24.96 3.28 -14.54
CA ASP A 333 23.50 3.30 -14.67
C ASP A 333 22.87 3.46 -13.30
N ILE A 334 21.80 4.26 -13.30
CA ILE A 334 20.97 4.52 -12.15
C ILE A 334 19.58 4.07 -12.63
N VAL A 335 18.86 3.34 -11.75
CA VAL A 335 17.52 2.78 -11.98
C VAL A 335 16.60 3.13 -10.81
N LEU A 336 15.38 3.63 -11.10
CA LEU A 336 14.41 4.04 -10.03
C LEU A 336 13.30 3.02 -9.87
N VAL A 337 13.08 2.53 -8.65
CA VAL A 337 11.94 1.63 -8.44
C VAL A 337 11.07 2.01 -7.17
N GLY A 338 9.88 1.50 -7.03
CA GLY A 338 9.06 1.98 -5.94
C GLY A 338 8.44 3.31 -6.28
N GLY A 339 7.16 3.46 -5.95
CA GLY A 339 6.31 4.54 -6.42
C GLY A 339 6.71 5.93 -6.06
N SER A 340 7.33 6.12 -4.89
CA SER A 340 7.74 7.46 -4.48
C SER A 340 8.82 8.07 -5.37
N THR A 341 9.52 7.24 -6.16
CA THR A 341 10.52 7.73 -7.10
C THR A 341 9.94 8.57 -8.26
N ARG A 342 8.61 8.73 -8.33
CA ARG A 342 8.02 9.64 -9.35
C ARG A 342 8.21 11.10 -8.98
N ILE A 343 8.51 11.37 -7.71
CA ILE A 343 8.58 12.75 -7.23
C ILE A 343 9.72 13.38 -7.99
N PRO A 344 9.45 14.46 -8.80
CA PRO A 344 10.50 15.08 -9.58
C PRO A 344 11.72 15.56 -8.76
N LYS A 345 11.48 16.26 -7.66
CA LYS A 345 12.55 16.76 -6.83
C LYS A 345 13.57 15.67 -6.46
N ILE A 346 13.05 14.46 -6.23
CA ILE A 346 13.90 13.31 -5.87
C ILE A 346 14.69 12.80 -7.06
N GLN A 347 14.03 12.68 -8.21
CA GLN A 347 14.71 12.37 -9.46
C GLN A 347 15.80 13.39 -9.77
N LYS A 348 15.52 14.67 -9.42
CA LYS A 348 16.41 15.83 -9.63
C LYS A 348 17.59 15.78 -8.70
N LEU A 349 17.36 15.56 -7.40
CA LEU A 349 18.43 15.46 -6.40
C LEU A 349 19.47 14.46 -6.83
N LEU A 350 18.97 13.34 -7.36
CA LEU A 350 19.72 12.16 -7.62
C LEU A 350 20.60 12.37 -8.83
N GLN A 351 19.96 12.80 -9.94
CA GLN A 351 20.69 13.33 -11.10
C GLN A 351 21.76 14.35 -10.66
N ASP A 352 21.39 15.41 -9.97
CA ASP A 352 22.38 16.35 -9.41
C ASP A 352 23.47 15.80 -8.42
N PHE A 353 23.27 14.60 -7.88
CA PHE A 353 24.33 13.85 -7.18
C PHE A 353 25.26 13.28 -8.25
N PHE A 354 24.70 12.55 -9.19
CA PHE A 354 25.50 11.90 -10.22
C PHE A 354 25.78 12.90 -11.30
N ASN A 355 26.47 13.95 -10.86
CA ASN A 355 26.81 15.14 -11.65
C ASN A 355 26.02 15.31 -12.93
N GLY A 356 24.72 15.09 -12.81
CA GLY A 356 23.78 15.33 -13.91
C GLY A 356 23.60 14.15 -14.83
N LYS A 357 23.98 12.97 -14.35
CA LYS A 357 23.83 11.69 -15.04
C LYS A 357 22.35 11.30 -15.19
N GLU A 358 21.98 10.83 -16.40
CA GLU A 358 20.66 10.23 -16.66
C GLU A 358 20.24 9.05 -15.77
N LEU A 359 18.98 8.61 -15.94
CA LEU A 359 18.34 7.62 -15.04
C LEU A 359 17.41 6.77 -15.82
N ASN A 360 17.31 5.50 -15.42
CA ASN A 360 16.33 4.57 -15.97
C ASN A 360 15.06 4.63 -15.14
N LYS A 361 14.01 5.18 -15.74
CA LYS A 361 12.74 5.39 -15.06
C LYS A 361 11.56 5.26 -15.97
N SER A 362 11.75 4.74 -17.18
CA SER A 362 10.62 4.59 -18.12
C SER A 362 9.63 3.45 -17.87
N ILE A 363 9.97 2.49 -17.00
CA ILE A 363 9.08 1.37 -16.68
C ILE A 363 8.45 1.74 -15.30
N ASN A 364 7.13 1.63 -15.21
CA ASN A 364 6.40 1.93 -14.04
C ASN A 364 7.19 1.33 -12.83
N PRO A 365 7.71 2.17 -11.89
CA PRO A 365 8.63 1.79 -10.82
C PRO A 365 7.99 0.90 -9.75
N ASP A 366 6.66 0.82 -9.80
CA ASP A 366 5.84 -0.10 -8.95
C ASP A 366 5.91 -1.44 -9.64
N GLU A 367 6.09 -1.41 -10.99
CA GLU A 367 6.01 -2.63 -11.80
C GLU A 367 7.36 -3.28 -12.24
N ALA A 368 8.46 -2.55 -12.09
CA ALA A 368 9.76 -2.91 -12.70
C ALA A 368 10.39 -4.23 -12.25
N VAL A 369 10.22 -4.59 -10.97
CA VAL A 369 10.78 -5.81 -10.32
C VAL A 369 10.03 -7.03 -10.82
N ALA A 370 8.69 -6.97 -10.90
CA ALA A 370 7.89 -8.04 -11.45
C ALA A 370 8.05 -8.17 -12.98
N TYR A 371 8.22 -7.03 -13.65
CA TYR A 371 8.59 -6.98 -15.07
C TYR A 371 9.86 -7.78 -15.41
N GLY A 372 10.96 -7.42 -14.74
CA GLY A 372 12.21 -8.12 -14.84
C GLY A 372 12.09 -9.57 -14.44
N ALA A 373 11.35 -9.89 -13.37
CA ALA A 373 11.17 -11.27 -12.93
C ALA A 373 10.36 -12.08 -13.95
N ALA A 374 9.52 -11.39 -14.74
CA ALA A 374 8.72 -11.99 -15.81
C ALA A 374 9.53 -12.41 -16.98
N VAL A 375 10.33 -11.41 -17.43
CA VAL A 375 11.35 -11.53 -18.49
C VAL A 375 12.36 -12.66 -18.22
N GLN A 376 12.66 -12.91 -16.95
CA GLN A 376 13.61 -13.95 -16.51
C GLN A 376 12.96 -15.32 -16.31
N ALA A 377 11.73 -15.37 -15.79
CA ALA A 377 10.96 -16.61 -15.76
C ALA A 377 10.67 -17.20 -17.15
N ALA A 378 10.51 -16.35 -18.17
CA ALA A 378 10.26 -16.82 -19.54
C ALA A 378 11.57 -17.45 -20.12
N ILE A 379 12.70 -16.81 -19.79
CA ILE A 379 14.02 -17.29 -20.18
C ILE A 379 14.38 -18.58 -19.47
N LEU A 380 14.06 -18.70 -18.17
CA LEU A 380 14.36 -19.92 -17.41
C LEU A 380 13.39 -21.05 -17.73
N SER A 381 12.25 -20.72 -18.34
CA SER A 381 11.12 -21.63 -18.51
C SER A 381 11.24 -22.59 -19.71
N GLY B 1 -26.25 30.24 -14.88
CA GLY B 1 -25.78 29.73 -16.23
C GLY B 1 -25.44 28.24 -16.29
N ASN B 2 -26.47 27.38 -16.28
CA ASN B 2 -26.25 25.93 -16.15
C ASN B 2 -25.34 25.38 -17.25
N SER B 3 -24.28 24.65 -16.88
CA SER B 3 -23.37 24.12 -17.89
C SER B 3 -23.42 22.60 -17.98
N PRO B 4 -23.18 22.05 -19.18
CA PRO B 4 -23.05 20.60 -19.43
C PRO B 4 -22.12 19.88 -18.43
N GLN B 5 -20.89 20.39 -18.20
CA GLN B 5 -19.96 19.83 -17.15
C GLN B 5 -20.50 19.70 -15.70
N GLU B 6 -21.49 20.51 -15.31
CA GLU B 6 -21.93 20.36 -13.96
C GLU B 6 -22.72 19.10 -13.86
N GLU B 7 -23.34 18.67 -14.98
CA GLU B 7 -24.17 17.44 -15.01
C GLU B 7 -23.36 16.18 -14.71
N VAL B 8 -22.17 16.13 -15.26
CA VAL B 8 -21.10 15.18 -14.88
C VAL B 8 -20.97 15.10 -13.38
N GLU B 9 -20.82 16.23 -12.69
CA GLU B 9 -20.60 16.21 -11.23
C GLU B 9 -21.85 15.83 -10.48
N LEU B 10 -23.00 16.33 -10.91
CA LEU B 10 -24.27 15.96 -10.32
C LEU B 10 -24.58 14.48 -10.47
N LYS B 11 -24.23 13.89 -11.62
CA LYS B 11 -24.21 12.41 -11.75
C LYS B 11 -23.27 11.63 -10.80
N LYS B 12 -22.05 12.12 -10.59
CA LYS B 12 -21.20 11.44 -9.59
C LYS B 12 -21.88 11.49 -8.23
N LEU B 13 -22.28 12.70 -7.82
CA LEU B 13 -22.94 12.88 -6.55
C LEU B 13 -24.20 12.05 -6.39
N LYS B 14 -24.96 11.85 -7.47
CA LYS B 14 -26.14 10.97 -7.40
C LYS B 14 -25.76 9.51 -7.26
N HIS B 15 -24.69 9.11 -7.91
CA HIS B 15 -24.22 7.76 -7.74
C HIS B 15 -23.80 7.57 -6.29
N LEU B 16 -23.08 8.56 -5.71
CA LEU B 16 -22.62 8.50 -4.32
C LEU B 16 -23.76 8.56 -3.31
N GLU B 17 -24.84 9.26 -3.67
CA GLU B 17 -26.06 9.34 -2.84
C GLU B 17 -26.79 8.02 -2.77
N LYS B 18 -26.71 7.19 -3.80
CA LYS B 18 -27.32 5.87 -3.78
C LYS B 18 -26.52 4.80 -3.01
N SER B 19 -25.21 4.89 -3.05
CA SER B 19 -24.39 4.09 -2.18
C SER B 19 -24.70 4.43 -0.69
N VAL B 20 -24.50 5.69 -0.31
CA VAL B 20 -24.97 6.22 0.97
C VAL B 20 -26.33 5.66 1.43
N GLU B 21 -27.28 5.53 0.52
CA GLU B 21 -28.58 4.91 0.85
C GLU B 21 -28.51 3.41 1.19
N LYS B 22 -27.64 2.65 0.50
CA LYS B 22 -27.32 1.27 0.88
C LYS B 22 -26.77 1.10 2.30
N ILE B 23 -25.84 1.96 2.69
CA ILE B 23 -25.20 1.85 3.99
C ILE B 23 -26.18 2.31 5.08
N ALA B 24 -26.97 3.34 4.79
CA ALA B 24 -28.04 3.77 5.69
C ALA B 24 -29.08 2.62 5.94
N ASP B 25 -29.32 1.79 4.92
CA ASP B 25 -30.19 0.63 5.10
C ASP B 25 -29.52 -0.41 5.94
N GLN B 26 -28.20 -0.58 5.76
CA GLN B 26 -27.46 -1.52 6.62
C GLN B 26 -27.57 -1.04 8.04
N LEU B 27 -27.36 0.26 8.23
CA LEU B 27 -27.47 0.85 9.56
C LEU B 27 -28.86 0.66 10.15
N GLU B 28 -29.92 0.82 9.34
CA GLU B 28 -31.25 0.45 9.84
C GLU B 28 -31.33 -1.01 10.23
N GLU B 29 -30.95 -1.93 9.34
CA GLU B 29 -30.91 -3.36 9.71
C GLU B 29 -30.21 -3.67 11.07
N LEU B 30 -29.04 -3.06 11.32
CA LEU B 30 -28.29 -3.21 12.57
C LEU B 30 -29.08 -2.80 13.81
N ASN B 31 -29.63 -1.61 13.76
CA ASN B 31 -30.46 -1.11 14.82
C ASN B 31 -31.66 -1.99 15.09
N LYS B 32 -32.26 -2.55 14.04
CA LYS B 32 -33.37 -3.48 14.20
C LYS B 32 -32.96 -4.76 14.92
N GLU B 33 -31.83 -5.33 14.53
CA GLU B 33 -31.35 -6.56 15.17
C GLU B 33 -30.90 -6.31 16.59
N LEU B 34 -30.17 -5.19 16.81
CA LEU B 34 -29.84 -4.69 18.14
C LEU B 34 -31.06 -4.74 19.05
N THR B 35 -32.09 -3.97 18.70
CA THR B 35 -33.36 -3.97 19.43
C THR B 35 -33.87 -5.37 19.78
N GLY B 36 -33.99 -6.25 18.79
CA GLY B 36 -34.36 -7.67 19.01
C GLY B 36 -33.44 -8.56 19.85
N ILE B 37 -32.12 -8.37 19.73
CA ILE B 37 -31.12 -9.16 20.47
C ILE B 37 -30.95 -8.72 21.96
N GLN B 38 -30.97 -7.40 22.20
CA GLN B 38 -31.02 -6.83 23.55
C GLN B 38 -32.30 -7.18 24.30
N GLN B 39 -33.35 -7.47 23.52
CA GLN B 39 -34.67 -7.94 23.94
C GLN B 39 -34.67 -9.36 24.52
N GLY B 40 -33.59 -9.68 25.20
CA GLY B 40 -33.60 -10.79 26.17
C GLY B 40 -33.38 -12.20 25.66
N PHE B 41 -33.69 -12.46 24.40
CA PHE B 41 -33.72 -13.85 23.87
C PHE B 41 -32.67 -14.89 24.41
N LEU B 42 -31.41 -14.47 24.56
CA LEU B 42 -30.27 -15.41 24.75
C LEU B 42 -29.62 -15.31 26.14
N PRO B 43 -28.95 -16.39 26.61
CA PRO B 43 -28.08 -16.29 27.80
C PRO B 43 -27.04 -15.20 27.61
N LYS B 44 -26.65 -14.52 28.68
CA LYS B 44 -25.87 -13.27 28.50
C LYS B 44 -24.49 -13.37 27.82
N ASP B 45 -23.85 -14.54 27.92
CA ASP B 45 -22.60 -14.79 27.19
C ASP B 45 -22.82 -14.82 25.67
N LEU B 46 -23.94 -15.41 25.26
CA LEU B 46 -24.39 -15.61 23.86
C LEU B 46 -24.93 -14.35 23.19
N GLN B 47 -25.70 -13.56 23.94
CA GLN B 47 -25.99 -12.18 23.57
C GLN B 47 -24.73 -11.42 23.22
N ALA B 48 -23.74 -11.50 24.13
CA ALA B 48 -22.47 -10.81 23.96
C ALA B 48 -21.80 -11.10 22.61
N GLU B 49 -21.66 -12.38 22.25
CA GLU B 49 -21.25 -12.86 20.91
C GLU B 49 -22.11 -12.33 19.78
N ALA B 50 -23.43 -12.27 19.97
CA ALA B 50 -24.34 -11.65 18.99
C ALA B 50 -24.10 -10.15 18.85
N LEU B 51 -24.07 -9.45 19.97
CA LEU B 51 -23.71 -8.03 19.99
C LEU B 51 -22.32 -7.70 19.44
N CYS B 52 -21.35 -8.60 19.60
CA CYS B 52 -20.04 -8.37 18.99
C CYS B 52 -20.02 -8.59 17.48
N LYS B 53 -20.90 -9.45 16.97
CA LYS B 53 -21.06 -9.65 15.54
C LYS B 53 -21.64 -8.41 14.86
N LEU B 54 -22.69 -7.85 15.46
CA LEU B 54 -23.28 -6.54 15.11
C LEU B 54 -22.28 -5.40 15.19
N ASP B 55 -21.55 -5.31 16.30
CA ASP B 55 -20.48 -4.31 16.46
C ASP B 55 -19.51 -4.24 15.27
N ARG B 56 -19.08 -5.42 14.80
CA ARG B 56 -18.15 -5.57 13.69
C ARG B 56 -18.79 -5.11 12.39
N ARG B 57 -20.10 -5.27 12.32
CA ARG B 57 -20.86 -4.88 11.14
C ARG B 57 -21.20 -3.39 11.16
N VAL B 58 -21.31 -2.82 12.36
CA VAL B 58 -21.41 -1.37 12.52
C VAL B 58 -20.08 -0.75 12.13
N LYS B 59 -18.99 -1.41 12.54
CA LYS B 59 -17.66 -1.00 12.10
C LYS B 59 -17.42 -0.95 10.58
N ALA B 60 -18.03 -1.89 9.86
CA ALA B 60 -17.99 -1.96 8.40
C ALA B 60 -18.78 -0.85 7.75
N THR B 61 -19.86 -0.45 8.44
CA THR B 61 -20.78 0.62 8.00
C THR B 61 -20.05 1.94 8.14
N ILE B 62 -19.48 2.18 9.31
CA ILE B 62 -18.59 3.32 9.57
C ILE B 62 -17.51 3.41 8.47
N GLU B 63 -16.84 2.30 8.22
CA GLU B 63 -15.82 2.19 7.19
C GLU B 63 -16.31 2.53 5.77
N GLN B 64 -17.43 1.93 5.39
CA GLN B 64 -18.09 2.26 4.13
C GLN B 64 -18.47 3.70 4.02
N PHE B 65 -19.02 4.29 5.07
CA PHE B 65 -19.23 5.75 5.04
C PHE B 65 -17.99 6.59 4.79
N MET B 66 -16.94 6.28 5.54
CA MET B 66 -15.58 6.86 5.30
C MET B 66 -15.00 6.75 3.91
N LYS B 67 -15.12 5.59 3.29
CA LYS B 67 -14.73 5.45 1.93
C LYS B 67 -15.55 6.38 0.94
N ILE B 68 -16.89 6.49 1.09
CA ILE B 68 -17.70 7.51 0.39
C ILE B 68 -17.16 8.95 0.64
N LEU B 69 -17.02 9.34 1.90
CA LEU B 69 -16.34 10.63 2.21
C LEU B 69 -15.03 10.81 1.47
N GLU B 70 -14.21 9.77 1.43
CA GLU B 70 -12.91 9.91 0.89
C GLU B 70 -13.05 10.25 -0.60
N GLU B 71 -14.08 9.73 -1.22
CA GLU B 71 -14.30 9.91 -2.65
C GLU B 71 -15.00 11.21 -3.01
N ILE B 72 -15.98 11.59 -2.19
CA ILE B 72 -16.46 12.96 -2.18
C ILE B 72 -15.29 13.97 -2.04
N ASP B 73 -14.31 13.70 -1.22
CA ASP B 73 -13.20 14.65 -0.96
C ASP B 73 -12.19 14.74 -2.16
N THR B 74 -12.52 14.07 -3.28
CA THR B 74 -11.69 14.11 -4.48
C THR B 74 -12.29 15.13 -5.47
N LEU B 75 -13.51 15.60 -5.20
CA LEU B 75 -14.20 16.56 -6.09
C LEU B 75 -13.70 18.00 -5.94
N ILE B 76 -13.59 18.72 -7.07
CA ILE B 76 -13.27 20.14 -7.10
C ILE B 76 -14.39 20.85 -7.86
N LEU B 77 -15.22 21.60 -7.13
CA LEU B 77 -16.40 22.24 -7.70
C LEU B 77 -16.26 23.76 -7.73
N PRO B 78 -16.22 24.37 -8.94
CA PRO B 78 -16.21 25.81 -9.03
C PRO B 78 -17.37 26.48 -8.29
N GLU B 79 -17.13 27.70 -7.82
CA GLU B 79 -18.11 28.43 -7.04
C GLU B 79 -19.47 28.54 -7.76
N ASN B 80 -19.41 28.72 -9.07
CA ASN B 80 -20.57 28.78 -9.95
C ASN B 80 -21.31 27.42 -10.15
N PHE B 81 -20.75 26.31 -9.61
CA PHE B 81 -21.40 25.01 -9.62
C PHE B 81 -22.17 24.91 -8.33
N LYS B 82 -23.12 25.83 -8.16
CA LYS B 82 -23.88 25.99 -6.92
C LYS B 82 -24.70 24.79 -6.59
N ASP B 83 -25.34 24.21 -7.61
CA ASP B 83 -26.19 23.00 -7.43
C ASP B 83 -25.38 21.81 -6.93
N SER B 84 -24.21 21.58 -7.52
CA SER B 84 -23.27 20.51 -7.11
C SER B 84 -22.71 20.72 -5.70
N ARG B 85 -22.33 21.97 -5.41
CA ARG B 85 -21.73 22.26 -4.16
C ARG B 85 -22.75 22.03 -3.04
N LEU B 86 -24.03 22.37 -3.30
CA LEU B 86 -25.08 22.15 -2.32
C LEU B 86 -25.33 20.65 -2.04
N LYS B 87 -25.48 19.88 -3.13
CA LYS B 87 -25.54 18.39 -3.10
C LYS B 87 -24.33 17.68 -2.43
N ARG B 88 -23.11 18.08 -2.78
CA ARG B 88 -21.90 17.55 -2.12
C ARG B 88 -22.02 17.68 -0.58
N LYS B 89 -22.35 18.89 -0.12
CA LYS B 89 -22.41 19.26 1.31
C LYS B 89 -23.58 18.67 2.03
N GLY B 90 -24.76 18.70 1.41
CA GLY B 90 -25.91 17.94 1.91
C GLY B 90 -25.45 16.52 2.22
N LEU B 91 -24.85 15.90 1.22
CA LEU B 91 -24.36 14.50 1.33
C LEU B 91 -23.30 14.27 2.43
N VAL B 92 -22.27 15.10 2.47
CA VAL B 92 -21.33 15.05 3.59
C VAL B 92 -22.06 15.08 4.99
N LYS B 93 -22.98 16.03 5.18
CA LYS B 93 -23.62 16.15 6.47
C LYS B 93 -24.57 14.98 6.75
N LYS B 94 -25.23 14.48 5.70
CA LYS B 94 -26.00 13.22 5.79
C LYS B 94 -25.13 12.16 6.39
N VAL B 95 -24.03 11.82 5.67
CA VAL B 95 -23.04 10.79 6.12
C VAL B 95 -22.58 11.04 7.55
N GLN B 96 -22.29 12.28 7.86
CA GLN B 96 -21.83 12.61 9.17
C GLN B 96 -22.85 12.35 10.29
N ALA B 97 -24.11 12.74 10.06
CA ALA B 97 -25.19 12.37 10.93
C ALA B 97 -25.30 10.83 11.08
N PHE B 98 -25.32 10.11 9.95
CA PHE B 98 -25.26 8.63 9.95
C PHE B 98 -24.05 8.12 10.76
N LEU B 99 -22.91 8.76 10.62
CA LEU B 99 -21.73 8.38 11.39
C LEU B 99 -21.94 8.50 12.93
N ALA B 100 -22.67 9.53 13.37
CA ALA B 100 -23.06 9.70 14.79
C ALA B 100 -23.94 8.56 15.32
N GLU B 101 -24.99 8.21 14.56
CA GLU B 101 -25.75 6.95 14.71
C GLU B 101 -24.89 5.68 14.91
N CYS B 102 -23.93 5.46 14.01
CA CYS B 102 -23.01 4.36 14.18
C CYS B 102 -22.28 4.47 15.53
N ASP B 103 -21.70 5.64 15.82
CA ASP B 103 -20.84 5.73 17.00
C ASP B 103 -21.64 5.42 18.23
N THR B 104 -22.84 6.00 18.30
CA THR B 104 -23.82 5.73 19.33
C THR B 104 -24.05 4.25 19.60
N VAL B 105 -24.29 3.44 18.55
CA VAL B 105 -24.34 1.97 18.68
C VAL B 105 -22.98 1.41 19.11
N GLU B 106 -22.00 1.47 18.24
CA GLU B 106 -20.67 0.93 18.51
C GLU B 106 -20.18 1.24 19.93
N GLN B 107 -20.47 2.46 20.41
CA GLN B 107 -20.01 2.97 21.71
C GLN B 107 -20.58 2.18 22.89
N ASN B 108 -21.73 1.53 22.69
CA ASN B 108 -22.45 0.83 23.78
C ASN B 108 -22.15 -0.64 23.89
N ILE B 109 -22.10 -1.37 22.75
CA ILE B 109 -21.88 -2.84 22.72
C ILE B 109 -20.43 -3.28 22.50
N CYS B 110 -20.06 -4.42 23.09
CA CYS B 110 -18.79 -5.13 22.82
C CYS B 110 -17.48 -4.34 23.07
N GLN B 111 -16.96 -4.35 24.32
CA GLN B 111 -15.80 -3.48 24.72
C GLN B 111 -14.49 -4.14 25.17
#